data_1SBP
#
_entry.id   1SBP
#
_cell.length_a   40.770
_cell.length_b   49.370
_cell.length_c   141.030
_cell.angle_alpha   90.00
_cell.angle_beta   90.00
_cell.angle_gamma   90.00
#
_symmetry.space_group_name_H-M   'P 21 21 21'
#
loop_
_entity.id
_entity.type
_entity.pdbx_description
1 polymer 'SULFATE-BINDING PROTEIN'
2 non-polymer 'SULFATE ION'
3 water water
#
_entity_poly.entity_id   1
_entity_poly.type   'polypeptide(L)'
_entity_poly.pdbx_seq_one_letter_code
;KDIQLLNVSYDPTRELYEQYNKAFSAHWKQETGDNVVIDQSHGGSGKQATSVINGIEADTVTLALAYDVNAIAERGRIDK
NWIKRLPDDSAPYTSTIVFLVRKGNPKQIHDWNDLIKPGVSVITPNPKSSGGARWNYLAAWGYALHHNNNDQAKAEDFVK
ALFKNVEVLDSGARGSTNTFVERGIGDVLIAWENEALLATNELGKDKFEIVTPSESILAEPTVSVVDKVVEKKDTKAVAE
AYLKYLYSPEGQEIAAKNFYRPRDADVAKKYDDAFPKLKLFTIDEVFGGWAKAQKDHFADGGTFDQISKR
;
_entity_poly.pdbx_strand_id   A
#
# COMPACT_ATOMS: atom_id res chain seq x y z
N LYS A 1 -8.74 -32.75 4.27
CA LYS A 1 -7.58 -32.64 3.42
C LYS A 1 -6.64 -31.57 4.02
N ASP A 2 -5.42 -31.62 3.59
CA ASP A 2 -4.41 -30.60 3.97
C ASP A 2 -4.28 -29.69 2.72
N ILE A 3 -4.42 -28.36 2.85
CA ILE A 3 -4.30 -27.49 1.64
C ILE A 3 -3.22 -26.46 1.99
N GLN A 4 -2.44 -26.16 0.95
CA GLN A 4 -1.34 -25.18 1.12
C GLN A 4 -1.58 -24.03 0.13
N LEU A 5 -1.68 -22.84 0.64
CA LEU A 5 -1.89 -21.66 -0.24
C LEU A 5 -0.65 -20.77 -0.08
N LEU A 6 -0.38 -19.99 -1.12
CA LEU A 6 0.72 -19.01 -1.04
C LEU A 6 0.03 -17.63 -1.31
N ASN A 7 0.23 -16.68 -0.47
CA ASN A 7 -0.31 -15.29 -0.67
C ASN A 7 0.95 -14.41 -0.91
N VAL A 8 1.06 -13.89 -2.07
CA VAL A 8 2.12 -12.92 -2.48
C VAL A 8 1.52 -11.54 -2.19
N SER A 9 2.14 -10.85 -1.21
CA SER A 9 1.59 -9.54 -0.78
C SER A 9 2.62 -8.42 -0.89
N TYR A 10 2.14 -7.25 -0.54
CA TYR A 10 3.03 -6.05 -0.56
C TYR A 10 3.80 -6.06 0.79
N ASP A 11 4.60 -5.03 1.01
CA ASP A 11 5.57 -5.07 2.11
C ASP A 11 5.11 -4.96 3.52
N PRO A 12 4.28 -4.01 3.92
CA PRO A 12 3.95 -3.79 5.29
C PRO A 12 2.85 -4.62 5.93
N THR A 13 2.27 -5.49 5.11
CA THR A 13 1.13 -6.32 5.60
C THR A 13 1.58 -7.59 6.34
N ARG A 14 2.84 -7.60 6.68
CA ARG A 14 3.40 -8.73 7.42
C ARG A 14 2.59 -9.08 8.68
N GLU A 15 2.39 -8.15 9.60
CA GLU A 15 1.62 -8.33 10.83
C GLU A 15 0.16 -8.69 10.56
N LEU A 16 -0.44 -8.03 9.56
CA LEU A 16 -1.85 -8.27 9.25
C LEU A 16 -2.07 -9.76 8.92
N TYR A 17 -1.24 -10.24 8.02
CA TYR A 17 -1.41 -11.62 7.53
C TYR A 17 -0.99 -12.64 8.55
N GLU A 18 -0.07 -12.32 9.41
CA GLU A 18 0.28 -13.30 10.45
C GLU A 18 -0.97 -13.58 11.28
N GLN A 19 -1.70 -12.56 11.68
CA GLN A 19 -2.91 -12.62 12.48
C GLN A 19 -4.09 -13.15 11.65
N TYR A 20 -4.27 -12.59 10.46
CA TYR A 20 -5.41 -13.02 9.64
C TYR A 20 -5.35 -14.49 9.22
N ASN A 21 -4.17 -14.98 8.91
CA ASN A 21 -4.01 -16.38 8.45
C ASN A 21 -4.47 -17.36 9.54
N LYS A 22 -4.09 -17.07 10.76
CA LYS A 22 -4.54 -17.95 11.88
C LYS A 22 -6.04 -17.88 12.03
N ALA A 23 -6.65 -16.73 11.92
CA ALA A 23 -8.12 -16.66 12.03
C ALA A 23 -8.81 -17.33 10.84
N PHE A 24 -8.39 -17.06 9.60
CA PHE A 24 -9.02 -17.77 8.47
C PHE A 24 -8.87 -19.29 8.55
N SER A 25 -7.71 -19.82 8.91
CA SER A 25 -7.50 -21.27 9.03
C SER A 25 -8.43 -21.89 10.07
N ALA A 26 -8.59 -21.22 11.20
CA ALA A 26 -9.48 -21.76 12.28
C ALA A 26 -10.90 -21.78 11.76
N HIS A 27 -11.29 -20.73 11.02
CA HIS A 27 -12.63 -20.60 10.46
C HIS A 27 -12.89 -21.66 9.39
N TRP A 28 -11.95 -21.90 8.48
CA TRP A 28 -12.11 -22.88 7.41
C TRP A 28 -12.23 -24.31 7.95
N LYS A 29 -11.48 -24.65 8.93
CA LYS A 29 -11.49 -25.99 9.56
C LYS A 29 -12.83 -26.19 10.27
N GLN A 30 -13.30 -25.12 10.86
CA GLN A 30 -14.61 -25.16 11.59
C GLN A 30 -15.69 -25.47 10.57
N GLU A 31 -15.63 -24.85 9.41
CA GLU A 31 -16.67 -25.04 8.40
C GLU A 31 -16.57 -26.21 7.44
N THR A 32 -15.40 -26.79 7.31
CA THR A 32 -15.15 -27.83 6.29
C THR A 32 -14.48 -29.08 6.76
N GLY A 33 -13.76 -28.91 7.86
CA GLY A 33 -12.96 -29.98 8.46
C GLY A 33 -11.57 -30.02 7.88
N ASP A 34 -11.32 -29.27 6.82
CA ASP A 34 -10.02 -29.22 6.15
C ASP A 34 -9.04 -28.34 6.93
N ASN A 35 -7.79 -28.63 6.69
CA ASN A 35 -6.66 -27.92 7.34
C ASN A 35 -5.99 -27.08 6.22
N VAL A 36 -6.06 -25.78 6.37
CA VAL A 36 -5.43 -24.94 5.34
C VAL A 36 -4.23 -24.21 6.02
N VAL A 37 -3.13 -24.21 5.33
CA VAL A 37 -1.92 -23.49 5.79
C VAL A 37 -1.66 -22.41 4.71
N ILE A 38 -1.39 -21.22 5.17
CA ILE A 38 -1.10 -20.17 4.15
C ILE A 38 0.33 -19.67 4.34
N ASP A 39 1.17 -19.69 3.35
CA ASP A 39 2.53 -19.19 3.41
C ASP A 39 2.45 -17.70 2.87
N GLN A 40 3.36 -16.86 3.35
CA GLN A 40 3.35 -15.46 2.95
C GLN A 40 4.68 -15.06 2.26
N SER A 41 4.55 -14.16 1.32
CA SER A 41 5.67 -13.56 0.63
C SER A 41 5.42 -12.03 0.65
N HIS A 42 6.44 -11.27 1.07
CA HIS A 42 6.24 -9.78 1.13
C HIS A 42 7.35 -9.01 0.45
N GLY A 43 7.03 -7.91 -0.23
CA GLY A 43 8.07 -7.11 -0.85
C GLY A 43 7.40 -5.92 -1.58
N GLY A 44 8.21 -5.11 -2.22
CA GLY A 44 7.57 -3.95 -2.97
C GLY A 44 6.56 -4.54 -3.96
N SER A 45 5.40 -3.98 -4.03
CA SER A 45 4.30 -4.41 -4.87
C SER A 45 4.71 -4.71 -6.32
N GLY A 46 5.49 -3.88 -6.94
CA GLY A 46 5.92 -3.96 -8.33
C GLY A 46 6.78 -5.25 -8.52
N LYS A 47 7.77 -5.34 -7.66
CA LYS A 47 8.70 -6.48 -7.65
C LYS A 47 7.92 -7.80 -7.47
N GLN A 48 6.98 -7.77 -6.56
CA GLN A 48 6.14 -8.98 -6.25
C GLN A 48 5.32 -9.35 -7.47
N ALA A 49 4.68 -8.42 -8.15
CA ALA A 49 3.86 -8.71 -9.35
C ALA A 49 4.72 -9.40 -10.42
N THR A 50 5.92 -8.82 -10.62
CA THR A 50 6.88 -9.35 -11.61
C THR A 50 7.22 -10.79 -11.29
N SER A 51 7.45 -11.05 -10.02
CA SER A 51 7.81 -12.45 -9.61
C SER A 51 6.67 -13.40 -9.96
N VAL A 52 5.41 -12.98 -9.80
CA VAL A 52 4.29 -13.87 -10.14
C VAL A 52 4.21 -14.15 -11.63
N ILE A 53 4.42 -13.10 -12.41
CA ILE A 53 4.41 -13.18 -13.86
C ILE A 53 5.48 -14.24 -14.27
N ASN A 54 6.61 -14.21 -13.58
CA ASN A 54 7.77 -15.07 -13.89
C ASN A 54 7.85 -16.38 -13.14
N GLY A 55 6.72 -16.91 -12.67
CA GLY A 55 6.78 -18.25 -12.09
C GLY A 55 6.41 -18.51 -10.68
N ILE A 56 6.36 -17.56 -9.80
CA ILE A 56 5.94 -17.83 -8.37
C ILE A 56 4.51 -18.29 -8.40
N GLU A 57 4.23 -19.43 -7.80
CA GLU A 57 2.89 -20.00 -7.84
C GLU A 57 2.00 -19.58 -6.69
N ALA A 58 1.65 -18.30 -6.78
CA ALA A 58 0.79 -17.66 -5.80
C ALA A 58 -0.66 -18.03 -6.14
N ASP A 59 -1.40 -18.48 -5.10
CA ASP A 59 -2.81 -18.77 -5.29
C ASP A 59 -3.59 -17.42 -5.37
N THR A 60 -3.06 -16.53 -4.51
CA THR A 60 -3.74 -15.17 -4.39
C THR A 60 -2.58 -14.15 -4.37
N VAL A 61 -2.93 -12.98 -4.86
CA VAL A 61 -2.07 -11.78 -4.75
C VAL A 61 -2.86 -10.71 -3.95
N THR A 62 -2.14 -10.03 -3.06
CA THR A 62 -2.77 -8.98 -2.18
C THR A 62 -1.76 -7.82 -2.32
N LEU A 63 -1.92 -7.07 -3.36
CA LEU A 63 -0.97 -6.00 -3.77
C LEU A 63 -1.39 -4.61 -3.37
N ALA A 64 -0.51 -3.64 -3.64
CA ALA A 64 -0.75 -2.25 -3.16
C ALA A 64 -1.62 -1.38 -4.01
N LEU A 65 -1.92 -1.77 -5.21
CA LEU A 65 -2.70 -0.93 -6.14
C LEU A 65 -3.14 -1.83 -7.30
N ALA A 66 -4.22 -1.36 -7.96
CA ALA A 66 -4.83 -2.14 -9.04
C ALA A 66 -3.89 -2.36 -10.20
N TYR A 67 -3.05 -1.44 -10.59
CA TYR A 67 -2.17 -1.63 -11.75
C TYR A 67 -1.33 -2.90 -11.71
N ASP A 68 -0.78 -3.18 -10.51
CA ASP A 68 0.08 -4.35 -10.31
C ASP A 68 -0.65 -5.68 -10.58
N VAL A 69 -1.90 -5.78 -10.22
CA VAL A 69 -2.74 -6.95 -10.53
C VAL A 69 -3.00 -7.01 -12.03
N ASN A 70 -3.37 -5.84 -12.57
CA ASN A 70 -3.64 -5.73 -14.02
C ASN A 70 -2.42 -6.22 -14.83
N ALA A 71 -1.23 -5.87 -14.39
CA ALA A 71 0.01 -6.25 -15.05
C ALA A 71 0.09 -7.79 -15.13
N ILE A 72 -0.37 -8.47 -14.11
CA ILE A 72 -0.32 -9.96 -14.12
C ILE A 72 -1.40 -10.45 -15.07
N ALA A 73 -2.54 -9.79 -15.07
CA ALA A 73 -3.67 -10.23 -15.95
C ALA A 73 -3.23 -10.03 -17.40
N GLU A 74 -2.56 -8.94 -17.69
CA GLU A 74 -2.09 -8.66 -19.07
C GLU A 74 -1.17 -9.73 -19.62
N ARG A 75 -0.44 -10.41 -18.75
CA ARG A 75 0.48 -11.49 -19.08
C ARG A 75 -0.20 -12.85 -19.08
N GLY A 76 -1.49 -12.91 -18.84
CA GLY A 76 -2.39 -13.99 -18.89
C GLY A 76 -2.54 -14.86 -17.69
N ARG A 77 -1.98 -14.44 -16.55
CA ARG A 77 -2.11 -15.35 -15.38
C ARG A 77 -3.39 -15.19 -14.60
N ILE A 78 -4.07 -14.10 -14.75
CA ILE A 78 -5.32 -13.75 -14.12
C ILE A 78 -6.33 -13.31 -15.19
N ASP A 79 -7.59 -13.57 -14.96
CA ASP A 79 -8.66 -13.16 -15.83
C ASP A 79 -8.62 -11.60 -15.90
N LYS A 80 -8.86 -11.15 -17.13
CA LYS A 80 -8.85 -9.72 -17.42
C LYS A 80 -9.86 -8.88 -16.64
N ASN A 81 -10.97 -9.48 -16.30
CA ASN A 81 -12.09 -8.85 -15.58
C ASN A 81 -12.11 -9.20 -14.10
N TRP A 82 -10.95 -9.39 -13.51
CA TRP A 82 -10.77 -9.74 -12.10
C TRP A 82 -11.25 -8.68 -11.13
N ILE A 83 -11.21 -7.40 -11.44
CA ILE A 83 -11.53 -6.38 -10.45
C ILE A 83 -12.98 -6.40 -9.99
N LYS A 84 -13.88 -6.89 -10.82
CA LYS A 84 -15.30 -6.97 -10.50
C LYS A 84 -15.65 -8.18 -9.66
N ARG A 85 -14.73 -9.09 -9.46
CA ARG A 85 -14.92 -10.33 -8.72
C ARG A 85 -15.20 -10.17 -7.24
N LEU A 86 -14.66 -9.17 -6.58
CA LEU A 86 -14.88 -8.89 -5.13
C LEU A 86 -15.36 -7.41 -5.00
N PRO A 87 -16.13 -7.17 -3.95
CA PRO A 87 -16.72 -5.86 -3.73
C PRO A 87 -15.73 -4.72 -3.58
N ASP A 88 -16.18 -3.53 -3.95
CA ASP A 88 -15.41 -2.28 -3.83
C ASP A 88 -14.13 -2.35 -4.66
N ASP A 89 -14.28 -2.86 -5.88
CA ASP A 89 -13.20 -2.99 -6.80
C ASP A 89 -12.04 -3.78 -6.14
N SER A 90 -12.45 -4.88 -5.53
CA SER A 90 -11.51 -5.80 -4.91
C SER A 90 -10.60 -5.18 -3.89
N ALA A 91 -11.08 -4.19 -3.17
CA ALA A 91 -10.28 -3.49 -2.13
C ALA A 91 -11.09 -3.55 -0.82
N PRO A 92 -10.80 -4.54 -0.01
CA PRO A 92 -11.47 -4.68 1.29
C PRO A 92 -11.19 -3.63 2.33
N TYR A 93 -10.13 -2.87 2.22
CA TYR A 93 -9.79 -1.81 3.14
C TYR A 93 -9.07 -0.68 2.38
N THR A 94 -8.96 0.46 3.03
CA THR A 94 -8.24 1.58 2.36
C THR A 94 -7.15 2.10 3.35
N SER A 95 -6.35 3.00 2.82
CA SER A 95 -5.31 3.65 3.65
C SER A 95 -5.07 5.00 3.01
N THR A 96 -4.04 5.68 3.56
CA THR A 96 -3.69 7.01 3.03
C THR A 96 -2.19 7.20 3.27
N ILE A 97 -1.68 8.35 2.88
CA ILE A 97 -0.25 8.66 3.03
C ILE A 97 -0.06 9.79 4.04
N VAL A 98 0.75 9.57 5.07
CA VAL A 98 0.98 10.64 6.07
C VAL A 98 2.47 10.79 6.34
N PHE A 99 2.82 11.74 7.20
CA PHE A 99 4.29 11.86 7.45
C PHE A 99 4.54 11.37 8.86
N LEU A 100 5.74 10.81 9.00
CA LEU A 100 6.19 10.43 10.36
C LEU A 100 7.44 11.25 10.66
N VAL A 101 7.50 11.96 11.77
CA VAL A 101 8.70 12.75 12.11
C VAL A 101 9.21 12.28 13.48
N ARG A 102 10.37 12.83 13.81
CA ARG A 102 10.96 12.48 15.11
C ARG A 102 10.32 13.37 16.17
N LYS A 103 10.26 12.83 17.36
CA LYS A 103 9.67 13.49 18.54
C LYS A 103 10.14 14.94 18.67
N GLY A 104 9.12 15.79 18.78
CA GLY A 104 9.38 17.21 18.84
C GLY A 104 9.39 17.87 17.49
N ASN A 105 9.26 17.16 16.38
CA ASN A 105 9.22 17.81 15.04
C ASN A 105 10.23 18.93 14.91
N PRO A 106 11.51 18.63 15.03
CA PRO A 106 12.58 19.61 14.98
C PRO A 106 12.73 20.38 13.71
N LYS A 107 12.28 19.86 12.55
CA LYS A 107 12.36 20.55 11.29
C LYS A 107 11.07 21.33 10.97
N GLN A 108 10.12 21.30 11.85
CA GLN A 108 8.84 21.98 11.84
C GLN A 108 8.05 21.74 10.54
N ILE A 109 7.87 20.47 10.32
CA ILE A 109 7.15 19.91 9.17
C ILE A 109 5.63 20.01 9.48
N HIS A 110 4.92 20.71 8.59
CA HIS A 110 3.47 20.85 8.75
C HIS A 110 2.68 20.35 7.52
N ASP A 111 3.24 20.44 6.35
CA ASP A 111 2.50 20.03 5.12
C ASP A 111 3.53 19.66 4.05
N TRP A 112 2.99 19.22 2.94
CA TRP A 112 3.82 18.78 1.76
C TRP A 112 4.90 19.78 1.39
N ASN A 113 4.50 21.08 1.39
CA ASN A 113 5.50 22.12 1.02
C ASN A 113 6.70 22.10 1.92
N ASP A 114 6.63 21.64 3.14
CA ASP A 114 7.82 21.69 4.01
C ASP A 114 8.88 20.66 3.59
N LEU A 115 8.47 19.62 2.88
CA LEU A 115 9.39 18.56 2.46
C LEU A 115 10.42 18.99 1.40
N ILE A 116 10.19 20.09 0.72
CA ILE A 116 11.15 20.58 -0.29
C ILE A 116 12.12 21.62 0.22
N LYS A 117 12.02 22.00 1.47
CA LYS A 117 12.93 22.96 2.11
C LYS A 117 14.34 22.35 2.14
N PRO A 118 15.33 23.25 2.00
CA PRO A 118 16.74 22.83 2.06
C PRO A 118 17.01 22.23 3.43
N GLY A 119 17.84 21.19 3.41
CA GLY A 119 18.28 20.58 4.66
C GLY A 119 17.32 19.52 5.19
N VAL A 120 16.17 19.36 4.55
CA VAL A 120 15.24 18.31 5.13
C VAL A 120 15.61 16.96 4.47
N SER A 121 15.78 15.96 5.33
CA SER A 121 16.12 14.62 4.72
C SER A 121 14.80 13.80 4.68
N VAL A 122 14.46 13.39 3.48
CA VAL A 122 13.17 12.67 3.29
C VAL A 122 13.48 11.19 2.99
N ILE A 123 12.63 10.34 3.53
CA ILE A 123 12.70 8.90 3.29
C ILE A 123 11.41 8.46 2.57
N THR A 124 11.58 7.86 1.40
CA THR A 124 10.40 7.38 0.65
C THR A 124 10.92 6.21 -0.22
N PRO A 125 10.11 5.17 -0.49
CA PRO A 125 10.61 4.04 -1.28
C PRO A 125 10.70 4.39 -2.75
N ASN A 126 11.21 3.45 -3.53
CA ASN A 126 11.42 3.57 -4.96
C ASN A 126 10.19 3.28 -5.81
N PRO A 127 9.69 4.23 -6.56
CA PRO A 127 8.51 3.96 -7.40
C PRO A 127 8.70 2.82 -8.41
N LYS A 128 9.91 2.42 -8.71
CA LYS A 128 10.16 1.35 -9.67
C LYS A 128 9.83 -0.03 -9.10
N SER A 129 9.75 -0.20 -7.80
CA SER A 129 9.49 -1.50 -7.23
C SER A 129 8.38 -1.46 -6.19
N SER A 130 8.21 -0.31 -5.57
CA SER A 130 7.18 -0.16 -4.53
C SER A 130 5.88 0.47 -5.01
N GLY A 131 4.78 -0.06 -4.45
CA GLY A 131 3.37 0.41 -4.62
C GLY A 131 3.18 1.68 -3.75
N GLY A 132 3.48 1.63 -2.49
CA GLY A 132 3.44 2.77 -1.55
C GLY A 132 4.27 3.93 -2.10
N ALA A 133 5.41 3.62 -2.74
CA ALA A 133 6.25 4.70 -3.36
C ALA A 133 5.46 5.48 -4.44
N ARG A 134 4.61 4.75 -5.16
CA ARG A 134 3.83 5.32 -6.27
C ARG A 134 2.68 6.10 -5.65
N TRP A 135 2.01 5.61 -4.63
CA TRP A 135 0.96 6.38 -3.97
C TRP A 135 1.56 7.71 -3.42
N ASN A 136 2.76 7.57 -2.85
CA ASN A 136 3.43 8.78 -2.27
C ASN A 136 3.69 9.84 -3.33
N TYR A 137 4.22 9.35 -4.46
CA TYR A 137 4.53 10.27 -5.60
C TYR A 137 3.24 10.93 -6.06
N LEU A 138 2.17 10.23 -6.28
CA LEU A 138 0.90 10.84 -6.71
C LEU A 138 0.33 11.80 -5.69
N ALA A 139 0.50 11.44 -4.43
CA ALA A 139 -0.03 12.38 -3.36
C ALA A 139 0.68 13.73 -3.45
N ALA A 140 1.99 13.70 -3.57
CA ALA A 140 2.78 14.96 -3.67
C ALA A 140 2.42 15.70 -4.98
N TRP A 141 2.29 14.99 -6.04
CA TRP A 141 1.98 15.64 -7.40
C TRP A 141 0.60 16.27 -7.26
N GLY A 142 -0.44 15.64 -6.77
CA GLY A 142 -1.81 16.09 -6.53
C GLY A 142 -1.83 17.38 -5.67
N TYR A 143 -1.06 17.30 -4.57
CA TYR A 143 -0.88 18.51 -3.72
C TYR A 143 -0.33 19.68 -4.54
N ALA A 144 0.73 19.43 -5.27
CA ALA A 144 1.35 20.50 -6.10
C ALA A 144 0.31 21.09 -7.05
N LEU A 145 -0.39 20.22 -7.77
CA LEU A 145 -1.42 20.68 -8.74
C LEU A 145 -2.42 21.58 -8.04
N HIS A 146 -2.91 21.16 -6.91
CA HIS A 146 -3.91 21.86 -6.13
C HIS A 146 -3.38 23.17 -5.53
N HIS A 147 -2.11 23.34 -5.42
CA HIS A 147 -1.51 24.55 -4.88
C HIS A 147 -0.87 25.39 -5.96
N ASN A 148 -0.94 24.97 -7.20
CA ASN A 148 -0.35 25.64 -8.35
C ASN A 148 -1.34 25.83 -9.49
N ASN A 149 -2.61 25.98 -9.26
CA ASN A 149 -3.57 26.26 -10.33
C ASN A 149 -3.53 25.26 -11.46
N ASN A 150 -3.36 23.97 -11.09
CA ASN A 150 -3.35 22.87 -12.04
C ASN A 150 -2.26 22.95 -13.07
N ASP A 151 -1.21 23.66 -12.76
CA ASP A 151 -0.06 23.77 -13.66
C ASP A 151 0.80 22.53 -13.50
N GLN A 152 0.80 21.67 -14.52
CA GLN A 152 1.60 20.42 -14.50
C GLN A 152 3.10 20.62 -14.47
N ALA A 153 3.63 21.71 -15.06
CA ALA A 153 5.06 21.99 -15.07
C ALA A 153 5.49 22.31 -13.63
N LYS A 154 4.67 23.09 -12.97
CA LYS A 154 4.94 23.51 -11.57
C LYS A 154 4.87 22.29 -10.66
N ALA A 155 3.94 21.39 -10.98
CA ALA A 155 3.82 20.16 -10.17
C ALA A 155 5.08 19.31 -10.38
N GLU A 156 5.55 19.23 -11.62
CA GLU A 156 6.77 18.46 -11.88
C GLU A 156 7.96 19.07 -11.18
N ASP A 157 8.10 20.41 -11.12
CA ASP A 157 9.15 21.13 -10.42
C ASP A 157 9.13 20.81 -8.91
N PHE A 158 7.93 20.73 -8.38
CA PHE A 158 7.69 20.49 -6.97
C PHE A 158 8.21 19.09 -6.60
N VAL A 159 7.82 18.12 -7.41
CA VAL A 159 8.23 16.74 -7.17
C VAL A 159 9.73 16.56 -7.39
N LYS A 160 10.30 17.29 -8.37
CA LYS A 160 11.75 17.25 -8.62
C LYS A 160 12.50 17.69 -7.32
N ALA A 161 11.97 18.81 -6.73
CA ALA A 161 12.54 19.37 -5.54
C ALA A 161 12.39 18.45 -4.35
N LEU A 162 11.28 17.70 -4.28
CA LEU A 162 11.09 16.73 -3.21
C LEU A 162 12.12 15.60 -3.36
N PHE A 163 12.32 15.08 -4.55
CA PHE A 163 13.25 13.96 -4.79
C PHE A 163 14.69 14.31 -4.58
N LYS A 164 14.98 15.61 -4.77
CA LYS A 164 16.35 16.10 -4.49
C LYS A 164 16.68 15.94 -3.02
N ASN A 165 15.75 15.97 -2.14
CA ASN A 165 15.83 15.82 -0.71
C ASN A 165 15.79 14.36 -0.24
N VAL A 166 15.53 13.39 -1.12
CA VAL A 166 15.40 11.98 -0.68
C VAL A 166 16.74 11.35 -0.41
N GLU A 167 16.88 10.92 0.86
CA GLU A 167 18.17 10.36 1.28
C GLU A 167 18.32 8.89 0.98
N VAL A 168 17.32 8.10 1.13
CA VAL A 168 17.42 6.63 0.84
C VAL A 168 16.10 6.19 0.15
N LEU A 169 16.22 5.51 -0.95
CA LEU A 169 15.06 5.00 -1.68
C LEU A 169 15.04 3.46 -1.53
N ASP A 170 14.38 2.90 -0.57
CA ASP A 170 14.28 1.44 -0.36
C ASP A 170 13.33 0.84 -1.44
N SER A 171 13.53 -0.46 -1.64
CA SER A 171 12.71 -1.13 -2.63
C SER A 171 11.29 -1.47 -2.18
N GLY A 172 11.08 -1.53 -0.89
CA GLY A 172 9.72 -1.92 -0.34
C GLY A 172 9.50 -0.92 0.85
N ALA A 173 8.23 -0.65 1.13
CA ALA A 173 7.81 0.31 2.17
C ALA A 173 8.26 -0.11 3.55
N ARG A 174 8.36 -1.41 3.82
CA ARG A 174 8.81 -1.83 5.16
C ARG A 174 10.34 -1.52 5.27
N GLY A 175 11.01 -1.62 4.16
CA GLY A 175 12.47 -1.22 4.12
C GLY A 175 12.53 0.29 4.48
N SER A 176 11.69 1.13 3.90
CA SER A 176 11.65 2.59 4.19
C SER A 176 11.39 2.84 5.65
N THR A 177 10.42 2.14 6.24
CA THR A 177 10.08 2.32 7.62
C THR A 177 11.30 1.93 8.50
N ASN A 178 11.96 0.85 8.17
CA ASN A 178 13.16 0.35 8.94
C ASN A 178 14.29 1.35 8.82
N THR A 179 14.48 1.89 7.65
CA THR A 179 15.58 2.90 7.49
C THR A 179 15.37 4.09 8.45
N PHE A 180 14.16 4.60 8.53
CA PHE A 180 13.81 5.73 9.41
C PHE A 180 13.81 5.35 10.88
N VAL A 181 13.01 4.37 11.24
CA VAL A 181 12.83 3.97 12.65
C VAL A 181 13.98 3.19 13.22
N GLU A 182 14.41 2.17 12.55
CA GLU A 182 15.49 1.32 13.10
C GLU A 182 16.88 1.82 12.91
N ARG A 183 17.21 2.33 11.75
CA ARG A 183 18.55 2.84 11.42
C ARG A 183 18.73 4.29 11.73
N GLY A 184 17.69 5.01 12.10
CA GLY A 184 17.68 6.41 12.46
C GLY A 184 18.12 7.39 11.37
N ILE A 185 17.80 7.07 10.10
CA ILE A 185 18.13 7.95 8.99
C ILE A 185 16.95 8.78 8.53
N GLY A 186 17.12 10.07 8.30
CA GLY A 186 16.02 10.91 7.78
C GLY A 186 15.32 11.77 8.83
N ASP A 187 14.71 12.88 8.36
CA ASP A 187 13.93 13.73 9.19
C ASP A 187 12.43 13.36 9.06
N VAL A 188 12.03 12.94 7.86
CA VAL A 188 10.58 12.63 7.66
C VAL A 188 10.48 11.41 6.73
N LEU A 189 9.56 10.57 7.13
CA LEU A 189 9.22 9.37 6.37
C LEU A 189 7.85 9.64 5.69
N ILE A 190 7.79 9.49 4.44
CA ILE A 190 6.46 9.63 3.73
C ILE A 190 5.92 8.16 3.89
N ALA A 191 4.97 7.97 4.81
CA ALA A 191 4.56 6.60 5.12
C ALA A 191 3.12 6.26 4.78
N TRP A 192 2.94 4.95 4.60
CA TRP A 192 1.54 4.42 4.54
C TRP A 192 1.05 4.71 5.99
N GLU A 193 -0.21 5.11 6.07
CA GLU A 193 -0.83 5.41 7.33
C GLU A 193 -0.70 4.25 8.30
N ASN A 194 -0.84 2.99 7.82
CA ASN A 194 -0.70 1.78 8.68
C ASN A 194 0.72 1.67 9.29
N GLU A 195 1.72 2.03 8.47
CA GLU A 195 3.10 2.07 8.95
C GLU A 195 3.36 3.18 9.99
N ALA A 196 2.81 4.35 9.83
CA ALA A 196 2.95 5.46 10.77
C ALA A 196 2.31 5.08 12.10
N LEU A 197 1.13 4.49 12.05
CA LEU A 197 0.45 4.08 13.28
C LEU A 197 1.14 2.91 13.97
N LEU A 198 1.67 1.96 13.22
CA LEU A 198 2.41 0.84 13.81
C LEU A 198 3.67 1.42 14.48
N ALA A 199 4.33 2.36 13.83
CA ALA A 199 5.58 2.92 14.40
C ALA A 199 5.34 3.66 15.69
N THR A 200 4.28 4.44 15.79
CA THR A 200 4.00 5.23 16.99
C THR A 200 3.37 4.35 18.05
N ASN A 201 2.82 3.21 17.69
CA ASN A 201 2.18 2.39 18.75
C ASN A 201 3.06 1.24 19.21
N GLU A 202 3.88 0.72 18.33
CA GLU A 202 4.72 -0.43 18.63
C GLU A 202 6.19 -0.30 18.37
N LEU A 203 6.59 -0.14 17.11
CA LEU A 203 7.98 -0.04 16.71
C LEU A 203 8.82 1.04 17.38
N GLY A 204 8.23 1.90 18.16
CA GLY A 204 8.90 2.99 18.87
C GLY A 204 8.02 4.02 19.52
N LYS A 205 7.27 3.72 20.55
CA LYS A 205 6.44 4.73 21.23
C LYS A 205 7.33 5.82 21.84
N ASP A 206 6.83 7.04 21.87
CA ASP A 206 7.47 8.23 22.40
C ASP A 206 8.69 8.75 21.66
N LYS A 207 9.02 8.21 20.53
CA LYS A 207 10.16 8.58 19.70
C LYS A 207 9.68 9.28 18.40
N PHE A 208 8.46 8.94 18.03
CA PHE A 208 7.93 9.52 16.76
C PHE A 208 6.57 10.18 16.93
N GLU A 209 6.30 11.05 15.97
CA GLU A 209 5.02 11.75 15.87
C GLU A 209 4.52 11.76 14.42
N ILE A 210 3.23 11.61 14.30
CA ILE A 210 2.60 11.75 12.95
C ILE A 210 2.22 13.18 12.65
N VAL A 211 2.47 13.56 11.41
CA VAL A 211 2.04 14.84 10.86
C VAL A 211 1.00 14.54 9.75
N THR A 212 -0.21 15.05 9.95
CA THR A 212 -1.25 14.86 8.92
C THR A 212 -1.19 16.03 7.96
N PRO A 213 -0.99 15.78 6.68
CA PRO A 213 -0.99 16.89 5.72
C PRO A 213 -2.40 17.42 5.52
N SER A 214 -2.50 18.53 4.81
CA SER A 214 -3.80 19.18 4.55
C SER A 214 -4.68 18.31 3.67
N GLU A 215 -3.99 17.57 2.77
CA GLU A 215 -4.72 16.66 1.88
C GLU A 215 -3.78 15.53 1.51
N SER A 216 -4.38 14.42 1.15
CA SER A 216 -3.60 13.24 0.69
C SER A 216 -4.42 12.43 -0.30
N ILE A 217 -3.85 11.26 -0.66
CA ILE A 217 -4.62 10.43 -1.65
C ILE A 217 -5.25 9.24 -0.93
N LEU A 218 -6.36 8.81 -1.45
CA LEU A 218 -7.04 7.61 -0.93
C LEU A 218 -6.35 6.41 -1.62
N ALA A 219 -5.68 5.58 -0.84
CA ALA A 219 -4.93 4.43 -1.33
C ALA A 219 -5.87 3.22 -1.20
N GLU A 220 -5.93 2.45 -2.29
CA GLU A 220 -6.79 1.29 -2.36
C GLU A 220 -6.06 0.03 -2.86
N PRO A 221 -5.50 -0.69 -1.87
CA PRO A 221 -4.76 -1.97 -2.14
C PRO A 221 -5.73 -2.95 -2.72
N THR A 222 -5.38 -3.78 -3.66
CA THR A 222 -6.33 -4.67 -4.34
C THR A 222 -5.87 -6.13 -4.30
N VAL A 223 -6.89 -6.99 -4.18
CA VAL A 223 -6.64 -8.43 -4.09
C VAL A 223 -7.26 -9.19 -5.29
N SER A 224 -6.69 -10.36 -5.51
CA SER A 224 -7.19 -11.21 -6.58
C SER A 224 -6.66 -12.64 -6.42
N VAL A 225 -7.54 -13.51 -6.90
CA VAL A 225 -7.20 -14.95 -7.07
C VAL A 225 -6.33 -15.00 -8.34
N VAL A 226 -5.36 -15.85 -8.37
CA VAL A 226 -4.48 -16.04 -9.59
C VAL A 226 -5.08 -17.27 -10.33
N ASP A 227 -5.86 -16.97 -11.33
CA ASP A 227 -6.60 -17.99 -12.09
C ASP A 227 -5.72 -19.18 -12.49
N LYS A 228 -4.62 -18.86 -13.16
CA LYS A 228 -3.78 -19.96 -13.67
C LYS A 228 -3.20 -20.86 -12.61
N VAL A 229 -2.94 -20.32 -11.44
CA VAL A 229 -2.37 -21.15 -10.38
C VAL A 229 -3.45 -22.01 -9.75
N VAL A 230 -4.56 -21.37 -9.37
CA VAL A 230 -5.64 -22.17 -8.70
C VAL A 230 -6.17 -23.27 -9.59
N GLU A 231 -6.16 -23.04 -10.91
CA GLU A 231 -6.66 -24.02 -11.89
C GLU A 231 -5.71 -25.26 -11.99
N LYS A 232 -4.51 -25.02 -11.59
CA LYS A 232 -3.48 -26.05 -11.57
C LYS A 232 -3.43 -26.73 -10.21
N LYS A 233 -3.49 -25.99 -9.12
CA LYS A 233 -3.38 -26.51 -7.78
C LYS A 233 -4.69 -27.01 -7.19
N ASP A 234 -5.81 -26.84 -7.80
CA ASP A 234 -7.14 -27.24 -7.32
C ASP A 234 -7.43 -26.52 -6.01
N THR A 235 -7.24 -25.19 -6.03
CA THR A 235 -7.45 -24.40 -4.74
C THR A 235 -8.36 -23.25 -4.99
N LYS A 236 -9.15 -23.25 -6.08
CA LYS A 236 -9.99 -22.05 -6.29
C LYS A 236 -10.99 -21.77 -5.19
N ALA A 237 -11.73 -22.75 -4.73
CA ALA A 237 -12.72 -22.55 -3.63
C ALA A 237 -12.11 -21.92 -2.38
N VAL A 238 -11.00 -22.42 -1.88
CA VAL A 238 -10.34 -21.95 -0.68
C VAL A 238 -9.67 -20.58 -0.95
N ALA A 239 -9.13 -20.40 -2.14
CA ALA A 239 -8.50 -19.06 -2.43
C ALA A 239 -9.56 -18.01 -2.45
N GLU A 240 -10.66 -18.23 -3.12
CA GLU A 240 -11.79 -17.34 -3.17
C GLU A 240 -12.33 -17.05 -1.76
N ALA A 241 -12.53 -18.04 -0.94
CA ALA A 241 -13.00 -17.95 0.43
C ALA A 241 -12.01 -17.14 1.27
N TYR A 242 -10.71 -17.33 1.08
CA TYR A 242 -9.69 -16.55 1.84
C TYR A 242 -9.83 -15.06 1.59
N LEU A 243 -9.99 -14.63 0.33
CA LEU A 243 -10.16 -13.18 -0.01
C LEU A 243 -11.55 -12.69 0.43
N LYS A 244 -12.60 -13.46 0.20
CA LYS A 244 -13.94 -12.98 0.66
C LYS A 244 -13.98 -12.75 2.17
N TYR A 245 -13.32 -13.54 2.95
CA TYR A 245 -13.34 -13.42 4.41
C TYR A 245 -12.72 -12.14 4.92
N LEU A 246 -11.94 -11.47 4.07
CA LEU A 246 -11.39 -10.14 4.43
C LEU A 246 -12.52 -9.10 4.61
N TYR A 247 -13.64 -9.41 3.96
CA TYR A 247 -14.80 -8.49 4.06
C TYR A 247 -15.73 -8.87 5.18
N SER A 248 -15.48 -9.96 5.88
CA SER A 248 -16.30 -10.39 7.01
C SER A 248 -16.05 -9.45 8.20
N PRO A 249 -16.96 -9.36 9.13
CA PRO A 249 -16.79 -8.53 10.33
C PRO A 249 -15.48 -8.94 11.04
N GLU A 250 -15.14 -10.23 11.04
CA GLU A 250 -13.88 -10.66 11.67
C GLU A 250 -12.66 -10.16 10.94
N GLY A 251 -12.64 -10.28 9.65
CA GLY A 251 -11.54 -9.87 8.76
C GLY A 251 -11.37 -8.33 8.89
N GLN A 252 -12.49 -7.62 8.89
CA GLN A 252 -12.46 -6.16 8.98
C GLN A 252 -11.85 -5.70 10.31
N GLU A 253 -12.19 -6.37 11.37
CA GLU A 253 -11.69 -6.04 12.72
C GLU A 253 -10.20 -6.28 12.85
N ILE A 254 -9.73 -7.38 12.25
CA ILE A 254 -8.28 -7.73 12.19
C ILE A 254 -7.60 -6.61 11.36
N ALA A 255 -8.24 -6.20 10.29
CA ALA A 255 -7.64 -5.07 9.49
C ALA A 255 -7.48 -3.83 10.35
N ALA A 256 -8.58 -3.39 11.00
CA ALA A 256 -8.61 -2.22 11.86
C ALA A 256 -7.57 -2.27 12.99
N LYS A 257 -7.46 -3.41 13.65
CA LYS A 257 -6.52 -3.61 14.75
C LYS A 257 -5.07 -3.43 14.29
N ASN A 258 -4.81 -3.74 13.04
CA ASN A 258 -3.50 -3.60 12.41
C ASN A 258 -3.33 -2.29 11.66
N PHE A 259 -4.21 -1.34 11.94
CA PHE A 259 -4.11 0.02 11.42
C PHE A 259 -4.42 0.31 9.96
N TYR A 260 -5.31 -0.51 9.39
CA TYR A 260 -5.83 -0.34 8.01
C TYR A 260 -7.27 0.19 8.18
N ARG A 261 -7.71 1.09 7.32
CA ARG A 261 -9.09 1.62 7.49
C ARG A 261 -10.12 0.62 6.99
N PRO A 262 -11.04 0.17 7.88
CA PRO A 262 -12.09 -0.77 7.49
C PRO A 262 -13.26 -0.07 6.74
N ARG A 263 -13.96 -0.85 5.99
CA ARG A 263 -15.13 -0.50 5.24
C ARG A 263 -16.36 -0.76 6.15
N ASP A 264 -16.31 -1.82 6.95
CA ASP A 264 -17.49 -2.17 7.78
C ASP A 264 -17.86 -1.06 8.78
N ALA A 265 -19.03 -0.47 8.69
CA ALA A 265 -19.45 0.61 9.61
C ALA A 265 -19.34 0.21 11.07
N ASP A 266 -19.66 -0.98 11.48
CA ASP A 266 -19.59 -1.44 12.86
C ASP A 266 -18.16 -1.45 13.41
N VAL A 267 -17.27 -1.84 12.50
CA VAL A 267 -15.83 -1.86 12.88
C VAL A 267 -15.21 -0.45 12.91
N ALA A 268 -15.54 0.36 11.93
CA ALA A 268 -15.05 1.74 11.84
C ALA A 268 -15.45 2.50 13.09
N LYS A 269 -16.66 2.29 13.59
CA LYS A 269 -17.18 3.01 14.79
C LYS A 269 -16.34 2.55 15.97
N LYS A 270 -16.05 1.30 16.06
CA LYS A 270 -15.28 0.72 17.17
C LYS A 270 -13.85 1.26 17.17
N TYR A 271 -13.22 1.51 16.03
CA TYR A 271 -11.85 1.96 15.93
C TYR A 271 -11.59 3.36 15.34
N ASP A 272 -12.56 4.17 15.39
CA ASP A 272 -12.80 5.53 14.99
C ASP A 272 -11.63 6.46 15.36
N ASP A 273 -11.43 6.53 16.67
CA ASP A 273 -10.39 7.37 17.28
C ASP A 273 -8.97 7.15 16.80
N ALA A 274 -8.69 6.07 16.12
CA ALA A 274 -7.35 5.76 15.65
C ALA A 274 -6.85 6.47 14.40
N PHE A 275 -7.73 6.85 13.52
CA PHE A 275 -7.42 7.42 12.22
C PHE A 275 -7.63 8.93 12.14
N PRO A 276 -6.54 9.60 11.75
CA PRO A 276 -6.62 11.06 11.58
C PRO A 276 -7.69 11.37 10.54
N LYS A 277 -8.21 12.60 10.63
CA LYS A 277 -9.22 12.99 9.63
C LYS A 277 -8.50 13.97 8.67
N LEU A 278 -8.68 13.81 7.37
CA LEU A 278 -8.02 14.70 6.41
C LEU A 278 -8.75 14.57 5.08
N LYS A 279 -8.50 15.60 4.26
CA LYS A 279 -9.07 15.66 2.90
C LYS A 279 -8.35 14.63 2.01
N LEU A 280 -9.12 13.82 1.35
CA LEU A 280 -8.55 12.79 0.44
C LEU A 280 -9.05 12.96 -0.99
N PHE A 281 -8.16 12.83 -1.93
CA PHE A 281 -8.51 12.90 -3.35
C PHE A 281 -8.32 11.46 -3.90
N THR A 282 -8.89 11.17 -5.03
CA THR A 282 -8.66 9.77 -5.56
C THR A 282 -7.81 9.87 -6.82
N ILE A 283 -7.34 8.70 -7.23
CA ILE A 283 -6.54 8.52 -8.45
C ILE A 283 -7.40 8.74 -9.70
N ASP A 284 -8.66 8.38 -9.61
CA ASP A 284 -9.57 8.58 -10.79
C ASP A 284 -9.82 10.06 -11.07
N GLU A 285 -10.06 10.81 -10.01
CA GLU A 285 -10.36 12.24 -10.18
C GLU A 285 -9.14 13.04 -10.51
N VAL A 286 -7.99 12.81 -9.90
CA VAL A 286 -6.81 13.64 -10.21
C VAL A 286 -5.92 13.15 -11.35
N PHE A 287 -5.80 11.84 -11.55
CA PHE A 287 -4.91 11.29 -12.58
C PHE A 287 -5.56 10.48 -13.69
N GLY A 288 -6.84 10.30 -13.70
CA GLY A 288 -7.49 9.51 -14.78
C GLY A 288 -7.38 8.01 -14.60
N GLY A 289 -7.10 7.59 -13.36
CA GLY A 289 -7.01 6.13 -13.10
C GLY A 289 -5.61 5.60 -13.25
N TRP A 290 -5.39 4.37 -12.76
CA TRP A 290 -4.09 3.71 -12.76
C TRP A 290 -3.42 3.53 -14.11
N ALA A 291 -4.17 3.23 -15.16
CA ALA A 291 -3.56 3.00 -16.48
C ALA A 291 -2.78 4.23 -16.96
N LYS A 292 -3.48 5.33 -16.84
CA LYS A 292 -2.98 6.66 -17.23
C LYS A 292 -1.85 7.07 -16.29
N ALA A 293 -2.07 6.99 -15.02
CA ALA A 293 -1.03 7.41 -14.04
C ALA A 293 0.27 6.66 -14.22
N GLN A 294 0.13 5.31 -14.27
CA GLN A 294 1.35 4.50 -14.43
C GLN A 294 2.12 4.91 -15.68
N LYS A 295 1.41 5.09 -16.77
CA LYS A 295 1.98 5.45 -18.07
C LYS A 295 2.76 6.77 -17.99
N ASP A 296 2.06 7.79 -17.57
CA ASP A 296 2.50 9.16 -17.42
C ASP A 296 3.68 9.31 -16.48
N HIS A 297 3.55 8.63 -15.34
CA HIS A 297 4.56 8.82 -14.32
C HIS A 297 5.61 7.79 -14.07
N PHE A 298 5.27 6.52 -14.16
CA PHE A 298 6.20 5.47 -13.77
C PHE A 298 6.75 4.54 -14.87
N ALA A 299 6.21 4.62 -16.05
CA ALA A 299 6.74 3.75 -17.16
C ALA A 299 8.04 4.43 -17.56
N ASP A 300 8.85 3.70 -18.29
CA ASP A 300 10.13 4.21 -18.80
C ASP A 300 9.93 5.55 -19.54
N GLY A 301 10.73 6.52 -19.14
CA GLY A 301 10.78 7.87 -19.66
C GLY A 301 9.61 8.75 -19.20
N GLY A 302 8.93 8.28 -18.17
CA GLY A 302 7.79 9.04 -17.59
C GLY A 302 8.43 10.16 -16.74
N THR A 303 7.51 10.77 -16.04
CA THR A 303 7.79 11.90 -15.10
C THR A 303 8.83 11.51 -14.12
N PHE A 304 8.76 10.33 -13.50
CA PHE A 304 9.77 9.90 -12.53
C PHE A 304 11.21 9.87 -13.09
N ASP A 305 11.35 9.25 -14.24
CA ASP A 305 12.64 9.15 -14.94
C ASP A 305 13.17 10.56 -15.25
N GLN A 306 12.26 11.41 -15.62
CA GLN A 306 12.52 12.80 -15.99
C GLN A 306 13.08 13.59 -14.83
N ILE A 307 12.47 13.57 -13.65
CA ILE A 307 12.93 14.32 -12.51
C ILE A 307 14.17 13.75 -11.79
N SER A 308 14.47 12.51 -12.08
CA SER A 308 15.59 11.78 -11.49
C SER A 308 16.89 12.15 -12.21
N LYS A 309 16.71 12.52 -13.47
CA LYS A 309 17.83 12.93 -14.36
C LYS A 309 18.18 14.38 -14.09
#